data_7V1B
#
_entry.id   7V1B
#
_cell.length_a   35.145
_cell.length_b   88.067
_cell.length_c   45.709
_cell.angle_alpha   90.000
_cell.angle_beta   90.960
_cell.angle_gamma   90.000
#
_symmetry.space_group_name_H-M   'P 1 21 1'
#
loop_
_entity.id
_entity.type
_entity.pdbx_description
1 polymer 'Core protein'
2 non-polymer 'CITRIC ACID'
3 non-polymer S-ADENOSYL-L-HOMOCYSTEINE
4 non-polymer 'ISOPROPYL ALCOHOL'
5 water water
#
_entity_poly.entity_id   1
_entity_poly.type   'polypeptide(L)'
_entity_poly.pdbx_seq_one_letter_code
;MTLGDLWKRRLNNCTKEEFFAYRRTGILETERDKARELLRKGETNMGLAVSRGTAKLAWLEERGYVNLKGEVVDLGCGRG
GWSYYAASRPAVMGVKAYTIGGKGHEAPKMVTSLGWNLIKFRAGMDVFTMQPHRADTVMCDIGESSPDAAIEGERTRKVI
LLMEQWKNRNPSASCVFKVLAPYRPEVIEALHRFQLQWGGGLVRTPFSRNSTHEMYYSTAISGNIVNSVNVQSRKLLARF
GDQRGPIRVPEMDLGVGTRHHHHHH
;
_entity_poly.pdbx_strand_id   A
#
# COMPACT_ATOMS: atom_id res chain seq x y z
N MET A 1 14.21 -8.85 20.53
CA MET A 1 14.45 -8.61 19.11
C MET A 1 13.78 -9.72 18.27
N THR A 2 13.17 -9.35 17.14
CA THR A 2 12.41 -10.29 16.34
C THR A 2 13.18 -10.66 15.08
N LEU A 3 12.64 -11.64 14.34
CA LEU A 3 13.22 -12.00 13.06
C LEU A 3 13.19 -10.81 12.11
N GLY A 4 12.10 -10.03 12.14
CA GLY A 4 12.03 -8.84 11.32
C GLY A 4 13.07 -7.79 11.68
N ASP A 5 13.39 -7.65 12.98
CA ASP A 5 14.44 -6.73 13.38
C ASP A 5 15.79 -7.16 12.80
N LEU A 6 16.04 -8.46 12.79
CA LEU A 6 17.28 -8.96 12.22
C LEU A 6 17.29 -8.78 10.70
N TRP A 7 16.15 -9.02 10.04
CA TRP A 7 16.05 -8.72 8.61
C TRP A 7 16.46 -7.28 8.33
N LYS A 8 16.00 -6.34 9.15
CA LYS A 8 16.34 -4.93 8.94
C LYS A 8 17.84 -4.71 9.08
N ARG A 9 18.44 -5.34 10.10
CA ARG A 9 19.88 -5.21 10.32
C ARG A 9 20.68 -5.79 9.16
N ARG A 10 20.30 -6.97 8.68
CA ARG A 10 21.02 -7.56 7.54
C ARG A 10 20.81 -6.73 6.28
N LEU A 11 19.61 -6.16 6.11
CA LEU A 11 19.38 -5.26 4.99
C LEU A 11 20.30 -4.06 5.04
N ASN A 12 20.42 -3.43 6.21
CA ASN A 12 21.28 -2.27 6.36
C ASN A 12 22.76 -2.63 6.17
N ASN A 13 23.12 -3.88 6.48
CA ASN A 13 24.48 -4.37 6.32
C ASN A 13 24.85 -4.63 4.85
N CYS A 14 23.88 -4.57 3.93
CA CYS A 14 24.17 -4.81 2.52
C CYS A 14 24.99 -3.69 1.93
N THR A 15 25.92 -4.04 1.04
CA THR A 15 26.48 -3.04 0.15
C THR A 15 25.38 -2.58 -0.82
N LYS A 16 25.68 -1.49 -1.53
CA LYS A 16 24.73 -0.95 -2.50
C LYS A 16 24.40 -1.97 -3.58
N GLU A 17 25.40 -2.71 -4.06
CA GLU A 17 25.15 -3.74 -5.06
C GLU A 17 24.31 -4.87 -4.48
N GLU A 18 24.65 -5.33 -3.28
CA GLU A 18 23.89 -6.38 -2.62
C GLU A 18 22.45 -5.95 -2.40
N PHE A 19 22.25 -4.70 -1.98
CA PHE A 19 20.90 -4.16 -1.77
C PHE A 19 20.09 -4.23 -3.04
N PHE A 20 20.69 -3.81 -4.18
CA PHE A 20 19.96 -3.76 -5.44
C PHE A 20 19.59 -5.16 -5.92
N ALA A 21 20.52 -6.12 -5.77
CA ALA A 21 20.21 -7.50 -6.15
C ALA A 21 19.17 -8.10 -5.21
N TYR A 22 19.26 -7.81 -3.92
CA TYR A 22 18.33 -8.40 -2.96
C TYR A 22 16.90 -7.88 -3.14
N ARG A 23 16.73 -6.56 -3.33
CA ARG A 23 15.38 -6.00 -3.27
C ARG A 23 14.48 -6.55 -4.38
N ARG A 24 15.06 -6.94 -5.50
CA ARG A 24 14.29 -7.38 -6.66
C ARG A 24 14.21 -8.90 -6.83
N THR A 25 14.98 -9.68 -6.07
CA THR A 25 15.06 -11.11 -6.37
C THR A 25 13.72 -11.82 -6.18
N GLY A 26 13.22 -12.41 -7.25
CA GLY A 26 11.99 -13.18 -7.20
C GLY A 26 10.71 -12.39 -7.09
N ILE A 27 10.78 -11.05 -7.26
N ILE A 27 10.75 -11.08 -7.23
CA ILE A 27 9.64 -10.16 -7.13
CA ILE A 27 9.54 -10.30 -7.08
C ILE A 27 9.00 -9.95 -8.49
C ILE A 27 8.98 -10.01 -8.47
N LEU A 28 7.66 -9.83 -8.52
CA LEU A 28 6.99 -9.36 -9.73
C LEU A 28 7.22 -7.86 -9.83
N GLU A 29 7.60 -7.40 -11.02
CA GLU A 29 7.89 -5.97 -11.25
C GLU A 29 7.23 -5.56 -12.56
N THR A 30 6.32 -4.59 -12.49
CA THR A 30 5.68 -4.14 -13.71
C THR A 30 6.65 -3.37 -14.59
N GLU A 31 6.44 -3.48 -15.91
CA GLU A 31 7.29 -2.87 -16.92
C GLU A 31 6.79 -1.45 -17.16
N ARG A 32 7.50 -0.46 -16.60
CA ARG A 32 7.02 0.92 -16.54
C ARG A 32 7.71 1.87 -17.51
N ASP A 33 8.47 1.37 -18.48
CA ASP A 33 9.26 2.24 -19.33
C ASP A 33 8.36 3.19 -20.13
N LYS A 34 7.25 2.68 -20.68
CA LYS A 34 6.34 3.54 -21.41
C LYS A 34 5.59 4.49 -20.46
N ALA A 35 5.04 3.96 -19.37
CA ALA A 35 4.30 4.78 -18.43
C ALA A 35 5.16 5.91 -17.88
N ARG A 36 6.42 5.62 -17.56
CA ARG A 36 7.32 6.62 -16.99
C ARG A 36 7.52 7.79 -17.93
N GLU A 37 7.69 7.52 -19.22
CA GLU A 37 7.93 8.59 -20.17
C GLU A 37 6.68 9.39 -20.46
N LEU A 38 5.51 8.72 -20.48
CA LEU A 38 4.27 9.47 -20.65
C LEU A 38 4.07 10.44 -19.50
N LEU A 39 4.31 9.98 -18.27
CA LEU A 39 4.24 10.89 -17.13
C LEU A 39 5.27 12.01 -17.24
N ARG A 40 6.50 11.67 -17.63
CA ARG A 40 7.54 12.69 -17.69
C ARG A 40 7.20 13.78 -18.70
N LYS A 41 6.60 13.40 -19.83
CA LYS A 41 6.40 14.34 -20.91
C LYS A 41 5.14 15.18 -20.73
N GLY A 42 4.34 14.90 -19.70
CA GLY A 42 3.14 15.67 -19.46
C GLY A 42 1.88 15.13 -20.11
N GLU A 43 1.90 13.89 -20.61
CA GLU A 43 0.72 13.31 -21.22
C GLU A 43 -0.33 13.05 -20.15
N THR A 44 -1.57 13.43 -20.43
CA THR A 44 -2.66 13.15 -19.50
C THR A 44 -3.65 12.12 -19.98
N ASN A 45 -3.69 11.81 -21.28
CA ASN A 45 -4.64 10.82 -21.77
C ASN A 45 -3.94 9.46 -21.75
N MET A 46 -3.98 8.83 -20.58
CA MET A 46 -3.33 7.55 -20.40
C MET A 46 -4.02 6.79 -19.28
N GLY A 47 -4.11 5.48 -19.46
CA GLY A 47 -4.67 4.61 -18.44
C GLY A 47 -3.63 3.68 -17.83
N LEU A 48 -2.39 3.77 -18.33
CA LEU A 48 -1.31 3.07 -17.67
C LEU A 48 -1.16 3.58 -16.23
N ALA A 49 -0.79 2.66 -15.34
CA ALA A 49 -0.70 2.99 -13.92
C ALA A 49 0.23 4.18 -13.68
N VAL A 50 -0.19 5.07 -12.78
CA VAL A 50 0.67 6.21 -12.44
C VAL A 50 1.78 5.85 -11.47
N SER A 51 1.74 4.64 -10.89
CA SER A 51 2.76 4.22 -9.94
C SER A 51 2.70 2.71 -9.81
N ARG A 52 3.64 2.15 -9.05
CA ARG A 52 3.66 0.73 -8.78
C ARG A 52 2.60 0.29 -7.78
N GLY A 53 1.87 1.24 -7.19
CA GLY A 53 0.82 0.87 -6.25
C GLY A 53 -0.42 0.28 -6.91
N THR A 54 -0.71 0.66 -8.15
CA THR A 54 -1.91 0.18 -8.81
C THR A 54 -1.95 -1.35 -8.87
N ALA A 55 -0.86 -1.97 -9.33
CA ALA A 55 -0.87 -3.43 -9.46
C ALA A 55 -0.96 -4.13 -8.11
N LYS A 56 -0.40 -3.53 -7.05
CA LYS A 56 -0.52 -4.10 -5.71
C LYS A 56 -1.97 -4.14 -5.26
N LEU A 57 -2.67 -3.01 -5.37
CA LEU A 57 -4.07 -3.00 -4.97
C LEU A 57 -4.91 -3.89 -5.88
N ALA A 58 -4.60 -3.90 -7.18
CA ALA A 58 -5.34 -4.77 -8.11
C ALA A 58 -5.18 -6.24 -7.74
N TRP A 59 -3.97 -6.63 -7.34
CA TRP A 59 -3.75 -8.01 -6.93
C TRP A 59 -4.61 -8.35 -5.72
N LEU A 60 -4.65 -7.45 -4.72
CA LEU A 60 -5.50 -7.69 -3.55
C LEU A 60 -6.97 -7.84 -3.95
N GLU A 61 -7.47 -7.01 -4.87
N GLU A 61 -7.46 -6.99 -4.85
CA GLU A 61 -8.88 -7.13 -5.20
CA GLU A 61 -8.85 -7.05 -5.28
C GLU A 61 -9.14 -8.35 -6.09
C GLU A 61 -9.11 -8.34 -6.06
N GLU A 62 -8.23 -8.64 -7.03
CA GLU A 62 -8.43 -9.80 -7.89
C GLU A 62 -8.37 -11.10 -7.11
N ARG A 63 -7.60 -11.14 -6.03
CA ARG A 63 -7.55 -12.31 -5.16
C ARG A 63 -8.78 -12.42 -4.26
N GLY A 64 -9.61 -11.37 -4.23
CA GLY A 64 -10.71 -11.34 -3.29
C GLY A 64 -10.32 -10.98 -1.88
N TYR A 65 -9.13 -10.40 -1.69
CA TYR A 65 -8.67 -10.04 -0.36
C TYR A 65 -9.13 -8.65 0.06
N VAL A 66 -9.65 -7.86 -0.87
N VAL A 66 -9.57 -7.83 -0.88
CA VAL A 66 -10.15 -6.52 -0.59
CA VAL A 66 -10.21 -6.56 -0.55
C VAL A 66 -11.42 -6.31 -1.40
C VAL A 66 -11.49 -6.44 -1.34
N ASN A 67 -12.42 -5.69 -0.78
CA ASN A 67 -13.67 -5.31 -1.43
C ASN A 67 -13.62 -3.79 -1.54
N LEU A 68 -13.61 -3.28 -2.76
CA LEU A 68 -13.63 -1.85 -3.03
C LEU A 68 -15.02 -1.48 -3.51
N LYS A 69 -15.74 -0.66 -2.75
CA LYS A 69 -17.14 -0.39 -3.06
C LYS A 69 -17.58 0.94 -2.47
N GLY A 70 -18.57 1.55 -3.13
CA GLY A 70 -19.24 2.69 -2.54
C GLY A 70 -18.37 3.93 -2.54
N GLU A 71 -18.46 4.70 -1.45
CA GLU A 71 -17.64 5.89 -1.27
C GLU A 71 -16.31 5.49 -0.64
N VAL A 72 -15.23 5.69 -1.38
CA VAL A 72 -13.88 5.28 -1.01
C VAL A 72 -13.10 6.49 -0.55
N VAL A 73 -12.31 6.32 0.51
N VAL A 73 -12.28 6.30 0.49
CA VAL A 73 -11.30 7.30 0.90
CA VAL A 73 -11.31 7.30 0.91
C VAL A 73 -9.93 6.69 0.71
C VAL A 73 -9.92 6.71 0.75
N ASP A 74 -9.01 7.48 0.14
CA ASP A 74 -7.62 7.09 -0.05
C ASP A 74 -6.75 8.03 0.79
N LEU A 75 -6.29 7.52 1.93
CA LEU A 75 -5.55 8.32 2.90
C LEU A 75 -4.06 8.15 2.62
N GLY A 76 -3.41 9.24 2.19
CA GLY A 76 -2.03 9.19 1.73
C GLY A 76 -1.95 8.69 0.31
N CYS A 77 -2.58 9.41 -0.62
CA CYS A 77 -2.73 8.88 -1.98
C CYS A 77 -1.46 8.98 -2.82
N GLY A 78 -0.53 9.89 -2.46
CA GLY A 78 0.66 10.06 -3.29
C GLY A 78 0.27 10.38 -4.71
N ARG A 79 0.92 9.69 -5.67
CA ARG A 79 0.63 9.92 -7.08
C ARG A 79 -0.79 9.51 -7.45
N GLY A 80 -1.41 8.63 -6.67
CA GLY A 80 -2.79 8.25 -6.90
C GLY A 80 -3.02 6.85 -7.46
N GLY A 81 -2.01 5.98 -7.43
CA GLY A 81 -2.18 4.65 -8.00
C GLY A 81 -3.37 3.88 -7.44
N TRP A 82 -3.64 4.03 -6.15
CA TRP A 82 -4.79 3.36 -5.56
C TRP A 82 -6.09 4.11 -5.84
N SER A 83 -6.04 5.43 -5.94
CA SER A 83 -7.24 6.21 -6.23
C SER A 83 -7.71 5.92 -7.65
N TYR A 84 -6.78 5.88 -8.61
CA TYR A 84 -7.19 5.55 -9.98
C TYR A 84 -7.66 4.10 -10.08
N TYR A 85 -7.04 3.19 -9.33
CA TYR A 85 -7.54 1.81 -9.39
C TYR A 85 -8.96 1.73 -8.86
N ALA A 86 -9.21 2.29 -7.67
CA ALA A 86 -10.55 2.28 -7.09
C ALA A 86 -11.56 2.94 -8.02
N ALA A 87 -11.18 4.08 -8.60
CA ALA A 87 -12.12 4.81 -9.45
C ALA A 87 -12.51 4.04 -10.69
N SER A 88 -11.68 3.09 -11.12
CA SER A 88 -12.02 2.27 -12.29
C SER A 88 -12.95 1.10 -11.96
N ARG A 89 -13.20 0.83 -10.68
CA ARG A 89 -14.03 -0.31 -10.26
C ARG A 89 -15.50 0.08 -10.36
N PRO A 90 -16.32 -0.68 -11.10
CA PRO A 90 -17.75 -0.30 -11.23
C PRO A 90 -18.50 -0.22 -9.91
N ALA A 91 -18.11 -0.99 -8.90
CA ALA A 91 -18.80 -0.90 -7.62
C ALA A 91 -18.45 0.36 -6.83
N VAL A 92 -17.42 1.10 -7.24
CA VAL A 92 -17.01 2.31 -6.55
C VAL A 92 -17.77 3.50 -7.10
N MET A 93 -18.34 4.31 -6.21
CA MET A 93 -19.15 5.45 -6.61
C MET A 93 -18.39 6.77 -6.59
N GLY A 94 -17.37 6.88 -5.74
CA GLY A 94 -16.55 8.07 -5.65
C GLY A 94 -15.33 7.78 -4.82
N VAL A 95 -14.30 8.59 -5.04
CA VAL A 95 -13.05 8.49 -4.27
C VAL A 95 -12.70 9.89 -3.77
N LYS A 96 -12.45 10.00 -2.48
CA LYS A 96 -11.87 11.20 -1.91
C LYS A 96 -10.43 10.86 -1.50
N ALA A 97 -9.47 11.49 -2.16
CA ALA A 97 -8.05 11.16 -2.04
C ALA A 97 -7.33 12.32 -1.39
N TYR A 98 -6.47 12.01 -0.41
CA TYR A 98 -5.80 13.02 0.39
C TYR A 98 -4.32 12.69 0.47
N THR A 99 -3.46 13.70 0.33
CA THR A 99 -2.03 13.44 0.48
C THR A 99 -1.34 14.74 0.90
N ILE A 100 -0.22 14.59 1.59
CA ILE A 100 0.47 15.74 2.18
C ILE A 100 1.22 16.55 1.14
N GLY A 101 1.80 15.88 0.14
CA GLY A 101 2.65 16.63 -0.78
C GLY A 101 3.84 17.27 -0.08
N GLY A 102 4.35 18.33 -0.70
CA GLY A 102 5.47 19.05 -0.12
C GLY A 102 6.80 18.48 -0.53
N LYS A 103 7.85 19.01 0.09
CA LYS A 103 9.21 18.66 -0.29
C LYS A 103 9.48 17.18 -0.07
N GLY A 104 9.89 16.50 -1.13
CA GLY A 104 10.24 15.10 -1.04
C GLY A 104 9.08 14.15 -0.96
N HIS A 105 7.86 14.61 -1.26
CA HIS A 105 6.66 13.79 -1.23
C HIS A 105 5.90 13.97 -2.54
N GLU A 106 5.30 12.87 -3.01
CA GLU A 106 4.63 12.87 -4.30
C GLU A 106 3.28 13.57 -4.24
N ALA A 107 3.04 14.45 -5.20
CA ALA A 107 1.73 15.02 -5.47
C ALA A 107 0.94 14.10 -6.39
N PRO A 108 -0.39 14.20 -6.40
CA PRO A 108 -1.19 13.40 -7.32
C PRO A 108 -0.80 13.63 -8.77
N LYS A 109 -0.77 12.55 -9.54
CA LYS A 109 -0.60 12.64 -10.98
C LYS A 109 -1.99 12.77 -11.57
N MET A 110 -2.14 13.64 -12.57
CA MET A 110 -3.45 14.02 -13.07
C MET A 110 -3.57 13.40 -14.46
N VAL A 111 -4.42 12.37 -14.61
CA VAL A 111 -4.60 11.66 -15.86
C VAL A 111 -6.07 11.35 -16.06
N THR A 112 -6.41 10.87 -17.25
CA THR A 112 -7.78 10.53 -17.64
C THR A 112 -8.09 9.05 -17.48
N SER A 113 -7.29 8.33 -16.70
CA SER A 113 -7.59 6.95 -16.38
C SER A 113 -9.05 6.79 -15.97
N LEU A 114 -9.65 5.67 -16.39
CA LEU A 114 -11.10 5.47 -16.33
C LEU A 114 -11.67 5.83 -14.96
N GLY A 115 -12.63 6.74 -14.96
CA GLY A 115 -13.28 7.14 -13.72
C GLY A 115 -12.60 8.25 -12.98
N TRP A 116 -11.61 8.91 -13.61
CA TRP A 116 -10.89 10.01 -12.98
C TRP A 116 -11.85 11.08 -12.46
N ASN A 117 -12.98 11.29 -13.13
CA ASN A 117 -13.92 12.33 -12.76
C ASN A 117 -14.58 12.05 -11.42
N LEU A 118 -14.51 10.82 -10.93
CA LEU A 118 -15.07 10.46 -9.64
C LEU A 118 -14.10 10.65 -8.50
N ILE A 119 -12.86 11.07 -8.79
CA ILE A 119 -11.87 11.32 -7.75
C ILE A 119 -11.83 12.81 -7.45
N LYS A 120 -11.91 13.14 -6.14
CA LYS A 120 -11.63 14.48 -5.63
C LYS A 120 -10.29 14.39 -4.91
N PHE A 121 -9.26 15.04 -5.46
CA PHE A 121 -7.93 15.06 -4.83
C PHE A 121 -7.78 16.29 -3.95
N ARG A 122 -7.14 16.10 -2.80
CA ARG A 122 -6.73 17.19 -1.91
C ARG A 122 -5.28 16.96 -1.55
N ALA A 123 -4.37 17.76 -2.10
CA ALA A 123 -2.99 17.76 -1.66
C ALA A 123 -2.81 18.77 -0.54
N GLY A 124 -1.69 18.67 0.16
CA GLY A 124 -1.48 19.55 1.29
C GLY A 124 -2.23 19.17 2.55
N MET A 125 -2.85 18.00 2.59
CA MET A 125 -3.67 17.57 3.70
C MET A 125 -2.92 16.54 4.52
N ASP A 126 -2.77 16.78 5.82
CA ASP A 126 -2.26 15.77 6.73
C ASP A 126 -3.43 14.92 7.20
N VAL A 127 -3.42 13.63 6.87
CA VAL A 127 -4.55 12.79 7.27
C VAL A 127 -4.55 12.47 8.76
N PHE A 128 -3.41 12.60 9.45
CA PHE A 128 -3.39 12.19 10.85
C PHE A 128 -4.11 13.16 11.76
N THR A 129 -4.32 14.41 11.33
CA THR A 129 -5.08 15.39 12.09
C THR A 129 -6.41 15.75 11.43
N MET A 130 -6.81 15.02 10.39
CA MET A 130 -8.03 15.33 9.66
C MET A 130 -9.19 14.53 10.24
N GLN A 131 -10.30 15.20 10.47
CA GLN A 131 -11.45 14.51 11.04
C GLN A 131 -11.99 13.48 10.05
N PRO A 132 -12.29 12.26 10.48
CA PRO A 132 -12.95 11.31 9.57
C PRO A 132 -14.34 11.75 9.18
N HIS A 133 -14.80 11.21 8.04
CA HIS A 133 -16.15 11.42 7.54
C HIS A 133 -16.68 10.08 7.03
N ARG A 134 -17.92 10.08 6.54
CA ARG A 134 -18.55 8.84 6.11
C ARG A 134 -17.79 8.22 4.95
N ALA A 135 -17.64 6.91 5.00
CA ALA A 135 -16.99 6.18 3.92
C ALA A 135 -17.45 4.75 4.02
N ASP A 136 -17.56 4.08 2.85
CA ASP A 136 -17.79 2.65 2.81
C ASP A 136 -16.50 1.85 2.74
N THR A 137 -15.46 2.40 2.12
CA THR A 137 -14.16 1.74 1.98
C THR A 137 -13.08 2.72 2.40
N VAL A 138 -12.19 2.29 3.30
CA VAL A 138 -11.12 3.14 3.79
C VAL A 138 -9.79 2.49 3.39
N MET A 139 -8.99 3.21 2.61
CA MET A 139 -7.71 2.73 2.11
C MET A 139 -6.62 3.64 2.68
N CYS A 140 -5.46 3.05 3.02
CA CYS A 140 -4.32 3.86 3.46
C CYS A 140 -3.04 3.14 3.12
N ASP A 141 -2.17 3.78 2.35
CA ASP A 141 -0.92 3.17 1.91
C ASP A 141 0.27 3.94 2.48
N ILE A 142 0.13 4.49 3.68
CA ILE A 142 1.17 5.30 4.30
C ILE A 142 2.16 4.41 5.04
N GLY A 143 3.45 4.74 4.93
CA GLY A 143 4.47 4.10 5.73
C GLY A 143 5.82 4.27 5.08
N GLU A 144 6.55 5.30 5.50
CA GLU A 144 7.77 5.70 4.81
C GLU A 144 8.95 4.88 5.34
N SER A 145 9.66 4.22 4.44
CA SER A 145 10.75 3.33 4.85
C SER A 145 11.88 4.14 5.49
N SER A 146 12.54 3.54 6.48
CA SER A 146 13.66 4.15 7.19
C SER A 146 14.64 3.05 7.56
N PRO A 147 15.94 3.35 7.62
CA PRO A 147 16.89 2.34 8.12
C PRO A 147 16.65 1.99 9.57
N ASP A 148 15.89 2.82 10.30
CA ASP A 148 15.63 2.66 11.73
C ASP A 148 14.30 1.94 11.90
N ALA A 149 14.37 0.66 12.30
CA ALA A 149 13.17 -0.15 12.48
C ALA A 149 12.26 0.42 13.55
N ALA A 150 12.82 1.08 14.57
CA ALA A 150 11.97 1.68 15.61
C ALA A 150 11.13 2.82 15.03
N ILE A 151 11.72 3.63 14.16
CA ILE A 151 10.96 4.68 13.47
C ILE A 151 9.89 4.06 12.57
N GLU A 152 10.24 3.00 11.85
CA GLU A 152 9.25 2.34 11.01
C GLU A 152 8.10 1.78 11.85
N GLY A 153 8.40 1.25 13.04
CA GLY A 153 7.34 0.77 13.92
C GLY A 153 6.41 1.90 14.34
N GLU A 154 6.97 3.05 14.70
CA GLU A 154 6.15 4.18 15.12
C GLU A 154 5.31 4.73 13.97
N ARG A 155 5.90 4.82 12.78
CA ARG A 155 5.14 5.19 11.58
C ARG A 155 3.97 4.25 11.35
N THR A 156 4.20 2.95 11.52
CA THR A 156 3.15 1.96 11.34
C THR A 156 2.07 2.12 12.41
N ARG A 157 2.49 2.35 13.65
CA ARG A 157 1.54 2.50 14.75
C ARG A 157 0.60 3.66 14.49
N LYS A 158 1.12 4.75 13.91
CA LYS A 158 0.28 5.91 13.63
C LYS A 158 -0.77 5.60 12.56
N VAL A 159 -0.41 4.76 11.57
CA VAL A 159 -1.37 4.34 10.56
C VAL A 159 -2.48 3.51 11.19
N ILE A 160 -2.14 2.59 12.08
CA ILE A 160 -3.16 1.77 12.72
C ILE A 160 -4.10 2.63 13.55
N LEU A 161 -3.56 3.62 14.27
CA LEU A 161 -4.41 4.53 15.04
C LEU A 161 -5.38 5.28 14.12
N LEU A 162 -4.88 5.75 12.97
CA LEU A 162 -5.73 6.43 12.02
C LEU A 162 -6.84 5.52 11.54
N MET A 163 -6.51 4.25 11.26
N MET A 163 -6.53 4.24 11.28
CA MET A 163 -7.54 3.29 10.88
CA MET A 163 -7.57 3.32 10.85
C MET A 163 -8.59 3.14 11.96
C MET A 163 -8.59 3.04 11.95
N GLU A 164 -8.16 3.04 13.23
CA GLU A 164 -9.12 2.93 14.33
C GLU A 164 -10.03 4.16 14.38
N GLN A 165 -9.47 5.35 14.10
CA GLN A 165 -10.30 6.55 14.07
C GLN A 165 -11.33 6.48 12.93
N TRP A 166 -10.93 6.01 11.76
CA TRP A 166 -11.89 5.89 10.66
C TRP A 166 -12.91 4.79 10.90
N LYS A 167 -12.54 3.72 11.62
CA LYS A 167 -13.52 2.69 11.99
C LYS A 167 -14.47 3.19 13.06
N ASN A 168 -14.00 4.01 14.00
CA ASN A 168 -14.90 4.60 14.98
C ASN A 168 -15.98 5.43 14.30
N ARG A 169 -15.59 6.18 13.26
CA ARG A 169 -16.58 6.92 12.48
C ARG A 169 -17.45 5.98 11.65
N ASN A 170 -16.83 4.93 11.08
CA ASN A 170 -17.50 4.02 10.14
C ASN A 170 -17.29 2.57 10.55
N PRO A 171 -18.02 2.09 11.56
CA PRO A 171 -17.82 0.71 12.02
C PRO A 171 -18.02 -0.36 10.95
N SER A 172 -18.81 -0.11 9.91
CA SER A 172 -19.03 -1.12 8.87
C SER A 172 -18.11 -0.98 7.67
N ALA A 173 -17.21 0.00 7.66
CA ALA A 173 -16.37 0.19 6.47
C ALA A 173 -15.38 -0.94 6.27
N SER A 174 -15.22 -1.35 5.01
CA SER A 174 -14.08 -2.18 4.62
C SER A 174 -12.81 -1.36 4.77
N CYS A 175 -11.72 -2.01 5.22
CA CYS A 175 -10.46 -1.32 5.43
C CYS A 175 -9.35 -2.11 4.76
N VAL A 176 -8.46 -1.41 4.05
CA VAL A 176 -7.21 -2.00 3.57
C VAL A 176 -6.11 -1.00 3.86
N PHE A 177 -5.05 -1.45 4.53
CA PHE A 177 -3.99 -0.52 4.86
C PHE A 177 -2.63 -1.18 4.88
N LYS A 178 -1.63 -0.38 4.50
CA LYS A 178 -0.25 -0.81 4.62
C LYS A 178 0.17 -0.92 6.08
N VAL A 179 0.90 -1.99 6.39
CA VAL A 179 1.57 -2.17 7.67
C VAL A 179 3.05 -2.26 7.34
N LEU A 180 3.76 -1.14 7.48
CA LEU A 180 5.15 -1.04 7.02
C LEU A 180 6.06 -1.99 7.78
N ALA A 181 5.94 -2.02 9.12
CA ALA A 181 6.83 -2.79 9.99
C ALA A 181 5.99 -3.71 10.87
N PRO A 182 5.44 -4.78 10.31
CA PRO A 182 4.51 -5.63 11.09
C PRO A 182 5.15 -6.34 12.26
N TYR A 183 6.48 -6.47 12.29
CA TYR A 183 7.17 -7.25 13.30
C TYR A 183 7.45 -6.49 14.59
N ARG A 184 7.25 -5.18 14.63
CA ARG A 184 7.57 -4.43 15.84
C ARG A 184 6.51 -4.66 16.92
N PRO A 185 6.91 -4.63 18.20
CA PRO A 185 5.98 -5.09 19.25
C PRO A 185 4.76 -4.21 19.42
N GLU A 186 4.92 -2.88 19.34
CA GLU A 186 3.73 -2.03 19.47
C GLU A 186 2.83 -2.17 18.26
N VAL A 187 3.37 -2.63 17.12
CA VAL A 187 2.56 -2.88 15.94
C VAL A 187 1.72 -4.14 16.11
N ILE A 188 2.37 -5.23 16.54
CA ILE A 188 1.64 -6.46 16.80
C ILE A 188 0.52 -6.22 17.80
N GLU A 189 0.81 -5.48 18.87
CA GLU A 189 -0.21 -5.20 19.86
C GLU A 189 -1.37 -4.43 19.23
N ALA A 190 -1.05 -3.40 18.44
CA ALA A 190 -2.10 -2.60 17.82
C ALA A 190 -2.91 -3.40 16.82
N LEU A 191 -2.25 -4.28 16.06
CA LEU A 191 -2.97 -5.11 15.09
C LEU A 191 -3.87 -6.13 15.78
N HIS A 192 -3.40 -6.69 16.89
CA HIS A 192 -4.23 -7.59 17.69
C HIS A 192 -5.51 -6.88 18.15
N ARG A 193 -5.39 -5.67 18.70
CA ARG A 193 -6.58 -4.93 19.12
C ARG A 193 -7.51 -4.64 17.93
N PHE A 194 -6.93 -4.25 16.79
CA PHE A 194 -7.74 -3.98 15.61
C PHE A 194 -8.49 -5.23 15.16
N GLN A 195 -7.78 -6.36 15.08
CA GLN A 195 -8.38 -7.62 14.65
C GLN A 195 -9.47 -8.09 15.61
N LEU A 196 -9.24 -7.91 16.92
CA LEU A 196 -10.24 -8.31 17.92
C LEU A 196 -11.57 -7.59 17.69
N GLN A 197 -11.52 -6.30 17.36
CA GLN A 197 -12.74 -5.56 17.19
C GLN A 197 -13.33 -5.67 15.79
N TRP A 198 -12.50 -5.72 14.75
CA TRP A 198 -12.97 -5.53 13.38
C TRP A 198 -12.75 -6.74 12.48
N GLY A 199 -12.12 -7.80 12.98
CA GLY A 199 -11.71 -8.88 12.11
C GLY A 199 -10.57 -8.46 11.20
N GLY A 200 -10.24 -9.34 10.27
CA GLY A 200 -9.23 -9.06 9.26
C GLY A 200 -7.97 -9.88 9.46
N GLY A 201 -7.00 -9.61 8.59
CA GLY A 201 -5.71 -10.27 8.66
C GLY A 201 -4.73 -9.62 7.70
N LEU A 202 -3.52 -10.18 7.65
CA LEU A 202 -2.40 -9.66 6.88
C LEU A 202 -2.06 -10.53 5.68
N VAL A 203 -1.58 -9.88 4.61
CA VAL A 203 -1.13 -10.60 3.44
C VAL A 203 0.02 -9.84 2.80
N ARG A 204 0.96 -10.60 2.20
CA ARG A 204 2.09 -10.08 1.47
C ARG A 204 1.77 -10.09 -0.03
N THR A 205 1.99 -8.92 -0.72
CA THR A 205 1.77 -8.99 -2.16
C THR A 205 3.05 -9.40 -2.87
N PRO A 206 2.92 -10.01 -4.06
CA PRO A 206 4.12 -10.45 -4.79
C PRO A 206 4.88 -9.33 -5.47
N PHE A 207 4.34 -8.11 -5.46
CA PHE A 207 5.01 -6.94 -6.02
C PHE A 207 5.88 -6.22 -4.99
N SER A 208 5.77 -6.59 -3.72
CA SER A 208 6.54 -5.92 -2.68
C SER A 208 8.00 -6.34 -2.72
N ARG A 209 8.89 -5.35 -2.79
CA ARG A 209 10.31 -5.63 -2.83
C ARG A 209 10.79 -6.25 -1.51
N ASN A 210 11.84 -7.07 -1.60
CA ASN A 210 12.37 -7.71 -0.40
C ASN A 210 12.98 -6.70 0.56
N SER A 211 13.26 -5.48 0.10
CA SER A 211 13.79 -4.41 0.93
C SER A 211 12.72 -3.72 1.79
N THR A 212 11.46 -4.14 1.69
CA THR A 212 10.43 -3.69 2.61
C THR A 212 9.70 -4.88 3.20
N HIS A 213 9.40 -4.81 4.49
CA HIS A 213 8.63 -5.84 5.19
C HIS A 213 7.13 -5.59 5.09
N GLU A 214 6.71 -4.68 4.22
CA GLU A 214 5.32 -4.26 4.18
C GLU A 214 4.39 -5.45 3.99
N MET A 215 3.31 -5.46 4.76
CA MET A 215 2.22 -6.37 4.54
C MET A 215 0.94 -5.56 4.62
N TYR A 216 -0.09 -6.03 3.93
CA TYR A 216 -1.34 -5.28 3.83
C TYR A 216 -2.38 -5.93 4.72
N TYR A 217 -3.02 -5.12 5.55
CA TYR A 217 -4.11 -5.57 6.39
C TYR A 217 -5.42 -5.32 5.66
N SER A 218 -6.30 -6.32 5.67
CA SER A 218 -7.62 -6.11 5.12
C SER A 218 -8.67 -6.76 6.02
N THR A 219 -9.78 -6.07 6.23
CA THR A 219 -10.88 -6.63 7.00
C THR A 219 -11.55 -7.81 6.30
N ALA A 220 -11.26 -8.02 5.02
CA ALA A 220 -11.90 -9.09 4.24
C ALA A 220 -11.19 -10.43 4.33
N ILE A 221 -10.04 -10.50 5.00
CA ILE A 221 -9.33 -11.77 5.16
C ILE A 221 -9.22 -12.13 6.63
N SER A 222 -8.47 -13.17 6.96
CA SER A 222 -8.33 -13.59 8.34
C SER A 222 -6.91 -14.09 8.55
N GLY A 223 -6.66 -14.66 9.73
CA GLY A 223 -5.39 -15.34 9.97
C GLY A 223 -4.64 -14.83 11.17
N ASN A 224 -3.92 -15.74 11.83
CA ASN A 224 -3.13 -15.36 13.00
C ASN A 224 -2.02 -14.38 12.61
N ILE A 225 -2.03 -13.23 13.27
CA ILE A 225 -1.13 -12.14 12.88
C ILE A 225 0.33 -12.52 13.10
N VAL A 226 0.65 -13.00 14.31
CA VAL A 226 2.03 -13.34 14.66
C VAL A 226 2.59 -14.37 13.68
N ASN A 227 1.81 -15.40 13.37
CA ASN A 227 2.29 -16.41 12.43
C ASN A 227 2.49 -15.82 11.04
N SER A 228 1.54 -15.00 10.58
CA SER A 228 1.67 -14.35 9.27
C SER A 228 2.97 -13.57 9.18
N VAL A 229 3.28 -12.81 10.24
CA VAL A 229 4.48 -11.98 10.24
C VAL A 229 5.74 -12.85 10.25
N ASN A 230 5.77 -13.85 11.14
CA ASN A 230 6.99 -14.64 11.27
C ASN A 230 7.28 -15.46 10.02
N VAL A 231 6.24 -16.00 9.37
CA VAL A 231 6.44 -16.66 8.09
C VAL A 231 7.10 -15.69 7.10
N GLN A 232 6.62 -14.46 7.06
CA GLN A 232 7.16 -13.49 6.12
C GLN A 232 8.61 -13.09 6.47
N SER A 233 8.90 -12.90 7.76
CA SER A 233 10.25 -12.55 8.16
C SER A 233 11.24 -13.64 7.75
N ARG A 234 10.88 -14.90 8.00
CA ARG A 234 11.75 -16.01 7.63
C ARG A 234 12.00 -16.05 6.13
N LYS A 235 10.96 -15.81 5.33
CA LYS A 235 11.12 -15.80 3.88
C LYS A 235 12.09 -14.72 3.44
N LEU A 236 11.93 -13.50 4.00
CA LEU A 236 12.82 -12.41 3.62
C LEU A 236 14.26 -12.72 4.01
N LEU A 237 14.47 -13.33 5.19
CA LEU A 237 15.81 -13.65 5.65
C LEU A 237 16.45 -14.70 4.75
N ALA A 238 15.65 -15.66 4.27
CA ALA A 238 16.17 -16.72 3.42
C ALA A 238 16.60 -16.21 2.06
N ARG A 239 16.03 -15.10 1.60
CA ARG A 239 16.32 -14.58 0.26
C ARG A 239 17.65 -13.85 0.20
N PHE A 240 18.25 -13.48 1.33
CA PHE A 240 19.56 -12.84 1.25
C PHE A 240 20.54 -13.79 0.58
N GLY A 241 21.13 -13.33 -0.51
CA GLY A 241 22.06 -14.13 -1.28
C GLY A 241 21.51 -14.64 -2.59
N ASP A 242 20.19 -14.71 -2.73
CA ASP A 242 19.57 -15.08 -4.01
C ASP A 242 19.95 -14.08 -5.09
N GLN A 243 20.38 -14.58 -6.24
CA GLN A 243 20.80 -13.74 -7.34
C GLN A 243 19.82 -13.73 -8.50
N ARG A 244 18.78 -14.58 -8.46
CA ARG A 244 17.73 -14.55 -9.48
C ARG A 244 17.15 -13.15 -9.59
N GLY A 245 16.77 -12.76 -10.80
CA GLY A 245 16.26 -11.44 -11.02
C GLY A 245 14.79 -11.33 -10.68
N PRO A 246 14.19 -10.19 -11.00
CA PRO A 246 12.74 -10.05 -10.85
C PRO A 246 12.03 -10.79 -11.97
N ILE A 247 10.73 -10.92 -11.81
CA ILE A 247 9.84 -11.43 -12.85
C ILE A 247 9.13 -10.23 -13.46
N ARG A 248 9.46 -9.91 -14.71
CA ARG A 248 8.90 -8.74 -15.36
C ARG A 248 7.51 -9.07 -15.90
N VAL A 249 6.53 -8.21 -15.58
CA VAL A 249 5.16 -8.41 -16.04
C VAL A 249 4.65 -7.08 -16.60
N PRO A 250 3.66 -7.13 -17.48
CA PRO A 250 3.13 -5.87 -18.05
C PRO A 250 2.49 -5.02 -16.96
N GLU A 251 2.59 -3.71 -17.15
CA GLU A 251 1.92 -2.77 -16.25
C GLU A 251 0.41 -2.79 -16.49
N MET A 252 -0.35 -2.52 -15.43
CA MET A 252 -1.80 -2.34 -15.55
C MET A 252 -2.13 -1.15 -16.44
N ASP A 253 -3.10 -1.35 -17.33
CA ASP A 253 -3.68 -0.29 -18.14
C ASP A 253 -5.18 -0.32 -17.90
N LEU A 254 -5.70 0.70 -17.22
CA LEU A 254 -7.09 0.73 -16.84
C LEU A 254 -7.99 1.30 -17.93
N GLY A 255 -7.42 1.75 -19.05
CA GLY A 255 -8.16 2.51 -20.02
C GLY A 255 -8.44 3.92 -19.52
N VAL A 256 -9.09 4.70 -20.39
CA VAL A 256 -9.35 6.12 -20.12
C VAL A 256 -10.84 6.40 -20.28
N GLY A 257 -11.26 7.51 -19.72
CA GLY A 257 -12.62 8.00 -19.88
C GLY A 257 -13.29 8.32 -18.55
N THR A 258 -14.43 8.99 -18.67
CA THR A 258 -15.25 9.30 -17.50
C THR A 258 -16.17 8.13 -17.16
N ARG A 259 -16.64 8.13 -15.91
CA ARG A 259 -17.67 7.20 -15.49
C ARG A 259 -18.93 7.94 -15.07
#